data_2OL5
#
_entry.id   2OL5
#
_cell.length_a   62.601
_cell.length_b   77.949
_cell.length_c   89.453
_cell.angle_alpha   90.00
_cell.angle_beta   90.00
_cell.angle_gamma   90.00
#
_symmetry.space_group_name_H-M   'P 21 21 21'
#
loop_
_entity.id
_entity.type
_entity.pdbx_description
1 polymer 'PAI 2 protein'
2 water water
#
_entity_poly.entity_id   1
_entity_poly.type   'polypeptide(L)'
_entity_poly.pdbx_seq_one_letter_code
;(MSE)YIPKHFAVNDPDVAYQVIEENSFATLVS(MSE)HQRELFATHLPLLLDREKTCLYGHFARSNPQWNDIQHQTVLA
IFHGPHCYISPSWYETNQAVPTWNYVAVHVYGNVELINDQGEV(MSE)QSLHD(MSE)VEKYEAPGSRYQLSEVDAG
(MSE)LSG(MSE)NKGIQAFKIIIKRIEGKAKLSQNHPAHRQERIIKQLEQ(MSE)PFENEKRIASL(MSE)KKQRQ
;
_entity_poly.pdbx_strand_id   A,B
#
# COMPACT_ATOMS: atom_id res chain seq x y z
N ASP A 11 -1.93 10.81 15.63
CA ASP A 11 -2.64 11.39 16.77
C ASP A 11 -3.34 12.68 16.41
N PRO A 12 -2.68 13.50 15.58
CA PRO A 12 -3.21 14.82 15.24
C PRO A 12 -3.09 15.14 13.76
N ASP A 13 -2.52 16.31 13.45
CA ASP A 13 -2.82 17.04 12.23
C ASP A 13 -1.85 16.55 11.16
N VAL A 14 -1.06 15.56 11.55
CA VAL A 14 -0.08 14.95 10.66
C VAL A 14 -0.75 13.98 9.67
N ALA A 15 -1.98 13.58 10.00
CA ALA A 15 -2.70 12.64 9.19
C ALA A 15 -2.99 13.31 7.85
N TYR A 16 -3.36 14.60 7.85
CA TYR A 16 -3.63 15.31 6.59
C TYR A 16 -2.40 15.33 5.64
N GLN A 17 -1.23 15.61 6.22
CA GLN A 17 0.02 15.64 5.51
C GLN A 17 0.27 14.34 4.77
N VAL A 18 0.13 13.20 5.48
CA VAL A 18 0.31 11.85 4.87
C VAL A 18 -0.66 11.62 3.73
N ILE A 19 -1.92 12.04 3.90
CA ILE A 19 -2.91 11.91 2.81
C ILE A 19 -2.48 12.69 1.53
N GLU A 20 -2.08 13.93 1.71
CA GLU A 20 -1.68 14.80 0.58
C GLU A 20 -0.38 14.32 -0.11
N GLU A 21 0.55 13.73 0.67
CA GLU A 21 1.87 13.29 0.09
C GLU A 21 1.85 11.85 -0.50
N ASN A 22 0.84 11.07 -0.15
CA ASN A 22 0.69 9.71 -0.62
C ASN A 22 -0.75 9.53 -1.10
N SER A 23 -1.08 10.29 -2.13
CA SER A 23 -2.44 10.40 -2.59
C SER A 23 -2.90 9.20 -3.39
N PHE A 24 -1.98 8.35 -3.87
CA PHE A 24 -2.42 7.12 -4.54
C PHE A 24 -2.88 6.04 -3.54
N ALA A 25 -4.15 6.13 -3.16
CA ALA A 25 -4.66 5.35 -2.03
C ALA A 25 -5.11 3.96 -2.47
N THR A 26 -5.40 3.10 -1.49
CA THR A 26 -6.24 1.94 -1.73
C THR A 26 -7.64 2.14 -1.16
N LEU A 27 -8.65 1.93 -2.01
CA LEU A 27 -10.03 2.16 -1.61
C LEU A 27 -10.80 0.86 -1.49
N VAL A 28 -11.09 0.46 -0.25
CA VAL A 28 -11.67 -0.85 0.01
C VAL A 28 -13.14 -0.73 0.40
N SER A 29 -13.97 -1.60 -0.18
CA SER A 29 -15.39 -1.60 0.11
C SER A 29 -15.82 -3.04 -0.04
N MSE A 30 -17.07 -3.33 0.26
CA MSE A 30 -17.61 -4.67 0.00
C MSE A 30 -18.28 -4.53 -1.34
O MSE A 30 -19.06 -3.59 -1.58
CB MSE A 30 -18.63 -5.07 1.03
CG MSE A 30 -18.08 -5.08 2.41
SE MSE A 30 -16.95 -6.65 2.70
CE MSE A 30 -18.39 -7.96 2.79
N HIS A 31 -17.89 -5.40 -2.26
CA HIS A 31 -18.55 -5.51 -3.51
C HIS A 31 -19.15 -6.93 -3.53
N GLN A 32 -20.46 -7.00 -3.66
CA GLN A 32 -21.20 -8.29 -3.64
C GLN A 32 -20.76 -9.24 -2.52
N ARG A 33 -20.62 -8.67 -1.32
CA ARG A 33 -20.32 -9.47 -0.11
C ARG A 33 -18.92 -10.06 -0.06
N GLU A 34 -18.05 -9.52 -0.90
CA GLU A 34 -16.62 -9.81 -0.83
C GLU A 34 -15.81 -8.52 -0.91
N LEU A 35 -14.68 -8.57 -0.21
CA LEU A 35 -13.80 -7.43 -0.12
C LEU A 35 -13.21 -7.15 -1.48
N PHE A 36 -13.16 -5.86 -1.82
CA PHE A 36 -12.78 -5.41 -3.10
C PHE A 36 -11.99 -4.12 -2.90
N ALA A 37 -10.89 -3.98 -3.62
CA ALA A 37 -10.05 -2.81 -3.47
C ALA A 37 -9.66 -2.23 -4.81
N THR A 38 -9.61 -0.92 -4.89
CA THR A 38 -9.06 -0.27 -6.06
C THR A 38 -7.92 0.64 -5.71
N HIS A 39 -6.97 0.74 -6.62
CA HIS A 39 -5.85 1.63 -6.48
C HIS A 39 -6.03 2.84 -7.37
N LEU A 40 -5.91 4.02 -6.78
CA LEU A 40 -6.44 5.22 -7.38
C LEU A 40 -6.16 6.43 -6.50
N PRO A 41 -5.96 7.57 -7.12
CA PRO A 41 -5.70 8.80 -6.39
C PRO A 41 -6.94 9.36 -5.71
N LEU A 42 -6.77 9.82 -4.48
CA LEU A 42 -7.92 10.38 -3.72
C LEU A 42 -7.44 11.71 -3.20
N LEU A 43 -8.15 12.79 -3.54
CA LEU A 43 -7.71 14.10 -3.10
C LEU A 43 -8.64 14.70 -2.02
N LEU A 44 -8.02 15.41 -1.08
CA LEU A 44 -8.76 16.11 -0.07
C LEU A 44 -9.31 17.38 -0.64
N ASP A 45 -10.60 17.67 -0.38
CA ASP A 45 -11.20 18.96 -0.76
C ASP A 45 -10.59 20.07 0.15
N ARG A 46 -10.75 21.35 -0.23
CA ARG A 46 -10.05 22.43 0.46
C ARG A 46 -10.33 22.48 1.97
N GLU A 47 -11.59 22.20 2.33
CA GLU A 47 -12.06 22.15 3.71
C GLU A 47 -11.67 20.86 4.45
N LYS A 48 -11.09 19.92 3.72
CA LYS A 48 -10.61 18.63 4.27
C LYS A 48 -11.70 17.77 4.93
N THR A 49 -12.95 17.99 4.51
CA THR A 49 -14.10 17.25 4.99
C THR A 49 -14.49 16.08 4.11
N CYS A 50 -13.96 16.02 2.88
CA CYS A 50 -14.03 14.85 2.04
C CYS A 50 -12.96 14.65 0.95
N LEU A 51 -13.02 13.45 0.36
CA LEU A 51 -12.03 12.93 -0.57
C LEU A 51 -12.67 12.67 -1.92
N TYR A 52 -12.07 13.19 -2.97
CA TYR A 52 -12.62 12.97 -4.30
C TYR A 52 -11.80 11.99 -5.10
N GLY A 53 -12.46 11.19 -5.92
CA GLY A 53 -11.70 10.37 -6.86
C GLY A 53 -12.59 10.02 -8.01
N HIS A 54 -12.11 9.14 -8.85
CA HIS A 54 -12.98 8.65 -9.87
C HIS A 54 -12.52 7.29 -10.34
N PHE A 55 -13.49 6.41 -10.59
CA PHE A 55 -13.26 5.04 -11.07
C PHE A 55 -13.45 5.04 -12.55
N ALA A 56 -13.04 3.97 -13.19
CA ALA A 56 -13.46 3.76 -14.53
C ALA A 56 -14.89 3.19 -14.39
N ARG A 57 -15.82 3.53 -15.30
CA ARG A 57 -17.18 2.94 -15.28
C ARG A 57 -17.14 1.41 -15.38
N SER A 58 -16.22 0.87 -16.18
CA SER A 58 -16.02 -0.58 -16.32
C SER A 58 -15.58 -1.29 -15.01
N ASN A 59 -15.16 -0.51 -14.04
CA ASN A 59 -14.78 -1.04 -12.74
C ASN A 59 -16.07 -1.13 -11.93
N PRO A 60 -16.52 -2.36 -11.64
CA PRO A 60 -17.86 -2.52 -11.06
C PRO A 60 -17.99 -2.14 -9.56
N GLN A 61 -16.91 -1.76 -8.89
CA GLN A 61 -16.96 -1.45 -7.45
C GLN A 61 -17.91 -0.33 -7.08
N TRP A 62 -18.11 0.64 -7.97
CA TRP A 62 -19.06 1.72 -7.72
C TRP A 62 -20.51 1.25 -7.69
N ASN A 63 -20.85 0.15 -8.39
CA ASN A 63 -22.24 -0.39 -8.49
C ASN A 63 -22.97 -0.46 -7.16
N ASP A 64 -22.22 -0.81 -6.12
CA ASP A 64 -22.80 -0.98 -4.77
C ASP A 64 -21.88 -0.40 -3.71
N ILE A 65 -21.24 0.71 -4.03
CA ILE A 65 -20.32 1.31 -3.09
C ILE A 65 -21.03 2.26 -2.09
N GLN A 66 -22.26 2.67 -2.41
CA GLN A 66 -22.97 3.64 -1.60
C GLN A 66 -23.56 2.96 -0.40
N HIS A 67 -23.95 3.72 0.61
CA HIS A 67 -24.61 3.16 1.77
C HIS A 67 -23.78 2.27 2.73
N GLN A 68 -22.46 2.36 2.67
CA GLN A 68 -21.56 1.58 3.56
C GLN A 68 -20.34 2.40 3.91
N THR A 69 -19.74 2.06 5.06
CA THR A 69 -18.54 2.75 5.48
C THR A 69 -17.33 2.13 4.78
N VAL A 70 -16.77 2.87 3.81
CA VAL A 70 -15.64 2.33 3.07
C VAL A 70 -14.35 2.73 3.76
N LEU A 71 -13.22 2.26 3.23
CA LEU A 71 -11.95 2.49 3.90
C LEU A 71 -10.93 3.01 2.94
N ALA A 72 -10.42 4.22 3.18
CA ALA A 72 -9.33 4.61 2.24
C ALA A 72 -8.01 4.58 3.01
N ILE A 73 -7.08 3.87 2.46
CA ILE A 73 -5.78 3.71 3.07
C ILE A 73 -4.73 4.49 2.28
N PHE A 74 -3.99 5.32 3.01
CA PHE A 74 -2.92 6.11 2.38
C PHE A 74 -1.58 5.54 2.87
N HIS A 75 -0.73 5.16 1.95
CA HIS A 75 0.50 4.52 2.39
C HIS A 75 1.68 5.49 2.55
N GLY A 76 2.16 5.66 3.77
CA GLY A 76 3.43 6.31 4.02
C GLY A 76 4.62 5.44 3.65
N PRO A 77 5.80 5.82 4.12
CA PRO A 77 7.00 4.99 3.95
C PRO A 77 6.99 3.80 4.90
N HIS A 78 7.68 2.72 4.50
CA HIS A 78 8.00 1.63 5.43
C HIS A 78 9.40 1.09 5.17
N CYS A 79 9.87 0.24 6.08
CA CYS A 79 11.01 -0.61 5.81
C CYS A 79 11.41 -1.52 6.97
N TYR A 80 12.17 -2.56 6.64
CA TYR A 80 12.65 -3.50 7.65
C TYR A 80 13.63 -2.81 8.56
N ILE A 81 13.58 -3.15 9.85
CA ILE A 81 14.54 -2.64 10.83
C ILE A 81 15.28 -3.87 11.31
N SER A 82 16.60 -3.90 11.14
CA SER A 82 17.36 -5.09 11.49
C SER A 82 17.90 -4.99 12.89
N PRO A 83 17.67 -6.04 13.71
CA PRO A 83 18.25 -6.16 15.03
C PRO A 83 19.77 -6.26 15.00
N SER A 84 20.36 -6.38 13.80
CA SER A 84 21.83 -6.41 13.73
C SER A 84 22.39 -5.01 13.85
N TRP A 85 21.50 -4.00 13.85
CA TRP A 85 21.89 -2.61 14.05
C TRP A 85 22.00 -2.12 15.51
N TYR A 86 21.50 -2.88 16.49
CA TYR A 86 21.58 -2.43 17.90
C TYR A 86 22.87 -2.93 18.58
N GLU A 87 23.16 -2.41 19.79
CA GLU A 87 24.33 -2.81 20.57
C GLU A 87 24.28 -4.27 21.06
N THR A 88 23.15 -4.94 20.86
CA THR A 88 22.96 -6.27 21.46
C THR A 88 22.36 -7.37 20.59
N ASN A 89 22.74 -8.60 20.94
CA ASN A 89 22.16 -9.83 20.43
C ASN A 89 20.68 -9.78 20.77
N GLN A 90 20.39 -9.09 21.87
CA GLN A 90 19.09 -9.07 22.53
C GLN A 90 18.15 -8.03 21.92
N ALA A 91 17.60 -8.37 20.74
CA ALA A 91 16.72 -7.49 20.01
C ALA A 91 15.85 -8.30 19.07
N VAL A 92 14.69 -7.74 18.73
CA VAL A 92 13.69 -8.38 17.91
C VAL A 92 13.54 -7.58 16.62
N PRO A 93 13.55 -8.26 15.45
CA PRO A 93 13.31 -7.55 14.20
C PRO A 93 11.90 -6.96 14.16
N THR A 94 11.72 -5.93 13.36
CA THR A 94 10.45 -5.24 13.25
C THR A 94 10.39 -4.38 11.98
N TRP A 95 9.20 -3.90 11.64
CA TRP A 95 9.04 -3.00 10.50
C TRP A 95 8.59 -1.60 10.92
N ASN A 96 9.13 -0.60 10.24
CA ASN A 96 8.62 0.75 10.45
C ASN A 96 7.74 1.22 9.31
N TYR A 97 6.65 1.87 9.66
CA TYR A 97 5.77 2.43 8.62
C TYR A 97 4.94 3.57 9.13
N VAL A 98 4.24 4.19 8.20
CA VAL A 98 3.30 5.24 8.49
C VAL A 98 2.11 4.96 7.61
N ALA A 99 0.92 5.20 8.16
CA ALA A 99 -0.32 4.95 7.40
C ALA A 99 -1.51 5.72 7.95
N VAL A 100 -2.37 6.13 7.03
CA VAL A 100 -3.59 6.80 7.45
C VAL A 100 -4.79 6.07 6.86
N HIS A 101 -5.71 5.66 7.71
CA HIS A 101 -6.92 4.96 7.24
C HIS A 101 -8.05 5.96 7.34
N VAL A 102 -8.79 6.19 6.26
CA VAL A 102 -9.94 7.10 6.36
C VAL A 102 -11.29 6.39 6.15
N TYR A 103 -12.21 6.50 7.07
CA TYR A 103 -13.53 5.92 6.83
C TYR A 103 -14.58 6.99 6.50
N GLY A 104 -15.51 6.69 5.61
CA GLY A 104 -16.64 7.57 5.36
C GLY A 104 -17.58 6.89 4.38
N ASN A 105 -18.64 7.56 3.93
CA ASN A 105 -19.48 6.98 2.88
C ASN A 105 -19.25 7.63 1.49
N VAL A 106 -19.53 6.88 0.43
CA VAL A 106 -19.45 7.41 -0.88
C VAL A 106 -20.75 7.99 -1.43
N GLU A 107 -20.61 9.09 -2.14
CA GLU A 107 -21.66 9.63 -2.99
C GLU A 107 -21.12 9.67 -4.44
N LEU A 108 -21.79 9.03 -5.39
CA LEU A 108 -21.36 9.13 -6.79
C LEU A 108 -21.72 10.50 -7.26
N ILE A 109 -20.87 11.09 -8.09
CA ILE A 109 -21.06 12.44 -8.58
C ILE A 109 -21.20 12.36 -10.10
N ASN A 110 -22.35 12.78 -10.65
CA ASN A 110 -22.50 12.86 -12.10
C ASN A 110 -22.64 14.28 -12.68
N ASP A 111 -22.90 15.29 -11.84
CA ASP A 111 -22.99 16.69 -12.33
C ASP A 111 -21.72 16.98 -13.16
N GLN A 112 -21.89 17.51 -14.36
CA GLN A 112 -20.71 17.64 -15.22
C GLN A 112 -19.77 18.76 -14.88
N GLY A 113 -20.26 19.74 -14.12
CA GLY A 113 -19.43 20.83 -13.62
C GLY A 113 -18.56 20.34 -12.47
N GLU A 114 -19.14 19.53 -11.58
CA GLU A 114 -18.40 18.98 -10.45
C GLU A 114 -17.32 17.98 -10.86
N VAL A 115 -17.66 17.05 -11.76
CA VAL A 115 -16.68 16.14 -12.34
C VAL A 115 -15.44 16.94 -12.84
N MSE A 116 -15.71 17.98 -13.61
CA MSE A 116 -14.69 18.83 -14.20
C MSE A 116 -13.82 19.58 -13.19
O MSE A 116 -12.60 19.68 -13.34
CB MSE A 116 -15.38 19.81 -15.14
CG MSE A 116 -14.58 20.04 -16.39
SE MSE A 116 -14.47 18.35 -17.35
CE MSE A 116 -13.14 18.92 -18.67
N GLN A 117 -14.45 20.11 -12.17
CA GLN A 117 -13.72 20.75 -11.09
C GLN A 117 -12.77 19.76 -10.42
N SER A 118 -13.23 18.55 -10.09
CA SER A 118 -12.35 17.59 -9.46
C SER A 118 -11.27 16.98 -10.39
N LEU A 119 -11.49 16.97 -11.70
CA LEU A 119 -10.41 16.60 -12.64
C LEU A 119 -9.37 17.74 -12.73
N HIS A 120 -9.85 18.98 -12.69
CA HIS A 120 -8.98 20.15 -12.62
C HIS A 120 -8.04 20.13 -11.40
N ASP A 121 -8.58 20.00 -10.19
CA ASP A 121 -7.79 20.01 -8.95
C ASP A 121 -6.75 18.93 -8.94
N MSE A 122 -7.11 17.83 -9.56
CA MSE A 122 -6.25 16.69 -9.71
C MSE A 122 -5.09 17.04 -10.65
O MSE A 122 -3.94 16.83 -10.30
CB MSE A 122 -7.07 15.49 -10.21
CG MSE A 122 -6.34 14.16 -10.34
SE MSE A 122 -6.04 13.66 -12.23
CE MSE A 122 -4.47 14.67 -12.68
N VAL A 123 -5.42 17.61 -11.80
CA VAL A 123 -4.42 17.96 -12.82
C VAL A 123 -3.37 18.91 -12.23
N GLU A 124 -3.83 19.95 -11.54
CA GLU A 124 -2.96 20.89 -10.84
C GLU A 124 -2.05 20.21 -9.82
N LYS A 125 -2.52 19.12 -9.26
CA LYS A 125 -1.80 18.44 -8.22
C LYS A 125 -0.63 17.67 -8.83
N TYR A 126 -0.84 17.09 -9.99
CA TYR A 126 0.12 16.22 -10.58
C TYR A 126 0.93 16.74 -11.78
N GLU A 127 0.43 17.69 -12.54
CA GLU A 127 1.25 18.22 -13.62
C GLU A 127 2.47 18.94 -13.07
N ALA A 128 3.58 18.83 -13.79
CA ALA A 128 4.77 19.55 -13.37
C ALA A 128 4.65 21.05 -13.66
N PRO A 129 5.17 21.87 -12.72
CA PRO A 129 5.19 23.35 -12.74
C PRO A 129 5.32 23.97 -14.13
N GLY A 130 6.13 23.39 -15.02
CA GLY A 130 6.30 23.99 -16.35
C GLY A 130 5.49 23.20 -17.39
N SER A 131 4.49 22.45 -16.93
CA SER A 131 3.73 21.70 -17.89
C SER A 131 2.76 22.63 -18.60
N ARG A 132 2.67 22.49 -19.91
CA ARG A 132 1.63 23.19 -20.62
C ARG A 132 0.37 22.29 -20.81
N TYR A 133 0.33 21.10 -20.22
CA TYR A 133 -0.92 20.34 -20.32
C TYR A 133 -2.02 20.89 -19.40
N GLN A 134 -3.25 20.96 -19.93
CA GLN A 134 -4.43 21.28 -19.08
C GLN A 134 -5.82 20.81 -19.54
N LEU A 135 -6.08 20.85 -20.84
CA LEU A 135 -7.43 20.73 -21.36
C LEU A 135 -7.45 20.82 -22.88
N MSE A 142 -14.63 12.98 -27.75
CA MSE A 142 -13.41 12.43 -27.15
C MSE A 142 -13.32 12.78 -25.65
O MSE A 142 -12.89 11.95 -24.83
CB MSE A 142 -12.18 12.94 -27.90
CG MSE A 142 -10.92 12.04 -27.84
SE MSE A 142 -9.83 11.99 -26.17
CE MSE A 142 -9.33 13.88 -25.98
N LEU A 143 -13.73 14.00 -25.30
CA LEU A 143 -13.74 14.46 -23.92
C LEU A 143 -15.07 14.14 -23.21
N SER A 144 -16.16 14.03 -23.97
CA SER A 144 -17.41 13.57 -23.40
C SER A 144 -17.25 12.07 -23.25
N GLY A 145 -16.24 11.51 -23.94
CA GLY A 145 -15.83 10.12 -23.78
C GLY A 145 -15.16 9.98 -22.43
N MSE A 146 -14.82 11.13 -21.85
CA MSE A 146 -14.31 11.23 -20.48
C MSE A 146 -15.42 11.67 -19.53
O MSE A 146 -15.15 11.90 -18.35
CB MSE A 146 -13.13 12.18 -20.38
CG MSE A 146 -11.78 11.51 -20.44
SE MSE A 146 -10.34 12.87 -20.47
CE MSE A 146 -10.41 13.37 -22.36
N ASN A 147 -16.64 11.78 -20.02
CA ASN A 147 -17.83 11.67 -19.19
C ASN A 147 -18.44 10.27 -19.24
N LYS A 148 -18.55 9.73 -20.46
CA LYS A 148 -19.01 8.35 -20.63
C LYS A 148 -18.09 7.38 -19.89
N GLY A 149 -16.79 7.66 -19.90
CA GLY A 149 -15.80 6.71 -19.42
C GLY A 149 -15.57 6.60 -17.92
N ILE A 150 -15.80 7.69 -17.18
CA ILE A 150 -15.51 7.70 -15.73
C ILE A 150 -16.67 7.94 -14.78
N GLN A 151 -16.43 7.61 -13.52
CA GLN A 151 -17.43 7.75 -12.52
C GLN A 151 -16.81 8.46 -11.37
N ALA A 152 -16.89 9.77 -11.35
CA ALA A 152 -16.45 10.55 -10.22
C ALA A 152 -17.25 10.11 -9.01
N PHE A 153 -16.75 10.42 -7.82
CA PHE A 153 -17.42 10.20 -6.53
C PHE A 153 -16.72 11.01 -5.44
N LYS A 154 -17.34 11.10 -4.24
CA LYS A 154 -16.67 11.64 -3.05
C LYS A 154 -16.89 10.76 -1.82
N ILE A 155 -15.93 10.79 -0.93
CA ILE A 155 -16.06 10.09 0.33
C ILE A 155 -16.16 11.14 1.39
N ILE A 156 -17.37 11.32 1.91
CA ILE A 156 -17.62 12.18 3.08
C ILE A 156 -16.90 11.48 4.23
N ILE A 157 -16.03 12.21 4.89
CA ILE A 157 -15.10 11.62 5.87
C ILE A 157 -15.80 11.45 7.20
N LYS A 158 -15.71 10.24 7.77
CA LYS A 158 -16.31 9.99 9.07
C LYS A 158 -15.28 9.91 10.18
N ARG A 159 -14.22 9.13 9.97
CA ARG A 159 -13.10 9.11 10.89
C ARG A 159 -11.76 8.86 10.24
N ILE A 160 -10.72 9.28 10.92
CA ILE A 160 -9.35 9.13 10.47
C ILE A 160 -8.52 8.49 11.57
N GLU A 161 -7.79 7.44 11.22
CA GLU A 161 -6.92 6.74 12.15
C GLU A 161 -5.53 6.70 11.54
N GLY A 162 -4.55 7.16 12.29
CA GLY A 162 -3.16 7.17 11.87
C GLY A 162 -2.29 6.22 12.66
N LYS A 163 -1.39 5.57 11.95
CA LYS A 163 -0.38 4.71 12.58
C LYS A 163 0.98 5.17 12.12
N ALA A 164 1.93 5.24 13.05
CA ALA A 164 3.31 5.61 12.77
C ALA A 164 4.28 4.83 13.64
N LYS A 165 4.46 3.55 13.36
CA LYS A 165 5.48 2.78 14.08
C LYS A 165 6.82 3.36 13.64
N LEU A 166 7.56 3.99 14.56
CA LEU A 166 8.82 4.66 14.23
C LEU A 166 9.93 4.42 15.26
N SER A 167 9.82 3.29 15.96
CA SER A 167 10.78 2.85 16.99
C SER A 167 10.89 3.79 18.16
N GLN A 168 9.90 4.68 18.30
CA GLN A 168 9.88 5.69 19.36
C GLN A 168 9.68 5.04 20.74
N ASN A 169 9.51 3.72 20.73
CA ASN A 169 9.37 2.93 21.94
C ASN A 169 10.74 2.66 22.58
N HIS A 170 11.79 2.85 21.79
CA HIS A 170 13.16 2.57 22.20
C HIS A 170 13.87 3.79 22.80
N PRO A 171 15.02 3.56 23.45
CA PRO A 171 15.76 4.73 23.94
C PRO A 171 16.34 5.54 22.77
N ALA A 172 16.57 6.83 23.01
CA ALA A 172 17.07 7.77 22.01
C ALA A 172 18.36 7.33 21.31
N HIS A 173 19.24 6.62 22.01
CA HIS A 173 20.51 6.15 21.40
C HIS A 173 20.31 5.04 20.36
N ARG A 174 19.50 4.04 20.70
CA ARG A 174 19.20 2.98 19.75
C ARG A 174 18.59 3.59 18.50
N GLN A 175 17.77 4.62 18.68
CA GLN A 175 17.14 5.35 17.57
C GLN A 175 18.17 6.01 16.67
N GLU A 176 19.21 6.58 17.26
CA GLU A 176 20.27 7.22 16.48
C GLU A 176 21.03 6.17 15.65
N ARG A 177 21.21 4.98 16.20
CA ARG A 177 21.86 3.89 15.44
C ARG A 177 21.03 3.54 14.22
N ILE A 178 19.74 3.32 14.42
CA ILE A 178 18.82 3.03 13.32
C ILE A 178 18.86 4.12 12.23
N ILE A 179 18.80 5.39 12.65
CA ILE A 179 18.91 6.50 11.71
C ILE A 179 20.24 6.46 10.93
N LYS A 180 21.35 6.36 11.66
CA LYS A 180 22.67 6.37 11.05
C LYS A 180 22.71 5.33 9.94
N GLN A 181 22.19 4.15 10.23
CA GLN A 181 22.21 3.06 9.28
C GLN A 181 21.24 3.25 8.10
N LEU A 182 20.02 3.67 8.37
CA LEU A 182 19.05 3.82 7.28
C LEU A 182 19.40 4.93 6.34
N GLU A 183 19.99 6.01 6.84
CA GLU A 183 20.17 7.21 6.05
C GLU A 183 21.29 7.04 5.06
N GLN A 184 22.16 6.08 5.31
CA GLN A 184 23.22 5.70 4.38
C GLN A 184 22.84 4.50 3.50
N MSE A 185 21.54 4.19 3.38
CA MSE A 185 21.08 3.11 2.51
C MSE A 185 20.42 3.68 1.24
O MSE A 185 19.53 4.54 1.33
CB MSE A 185 20.12 2.16 3.23
CG MSE A 185 20.78 1.32 4.31
SE MSE A 185 19.48 0.21 5.30
CE MSE A 185 18.91 -1.00 3.87
N PRO A 186 20.79 3.17 0.08
CA PRO A 186 20.34 3.85 -1.13
C PRO A 186 18.98 3.37 -1.59
N PHE A 187 17.99 3.57 -0.73
CA PHE A 187 16.63 3.15 -0.99
C PHE A 187 15.70 4.23 -0.45
N GLU A 188 14.62 4.51 -1.20
CA GLU A 188 13.64 5.54 -0.84
C GLU A 188 12.97 5.40 0.54
N ASN A 189 12.44 4.20 0.79
CA ASN A 189 11.71 3.90 2.01
C ASN A 189 12.57 4.09 3.25
N GLU A 190 13.74 3.48 3.24
CA GLU A 190 14.72 3.63 4.32
C GLU A 190 15.01 5.11 4.62
N LYS A 191 15.33 5.90 3.59
CA LYS A 191 15.59 7.32 3.76
C LYS A 191 14.38 8.11 4.24
N ARG A 192 13.20 7.81 3.68
CA ARG A 192 12.03 8.55 4.09
C ARG A 192 11.71 8.25 5.55
N ILE A 193 11.74 6.97 5.89
CA ILE A 193 11.58 6.53 7.27
C ILE A 193 12.62 7.18 8.17
N ALA A 194 13.83 7.38 7.64
CA ALA A 194 14.91 8.04 8.39
C ALA A 194 14.63 9.53 8.62
N SER A 195 13.99 10.21 7.67
CA SER A 195 13.63 11.63 7.89
C SER A 195 12.55 11.74 8.94
N LEU A 196 11.68 10.74 8.99
CA LEU A 196 10.57 10.76 9.92
C LEU A 196 10.97 10.64 11.38
N MSE A 197 11.78 9.63 11.68
CA MSE A 197 12.22 9.38 13.04
C MSE A 197 12.88 10.62 13.66
O MSE A 197 12.46 11.05 14.74
CB MSE A 197 13.15 8.18 13.06
CG MSE A 197 12.48 6.84 12.66
SE MSE A 197 13.74 5.34 12.47
CE MSE A 197 14.39 5.17 14.31
N LYS A 198 13.86 11.21 12.97
CA LYS A 198 14.50 12.46 13.45
C LYS A 198 13.48 13.48 13.99
N LYS A 199 12.44 13.71 13.21
CA LYS A 199 11.41 14.71 13.51
C LYS A 199 10.60 14.37 14.79
N ASN B 10 -2.19 -11.28 -13.25
CA ASN B 10 -1.28 -11.27 -14.39
C ASN B 10 -1.04 -12.68 -14.94
N ASP B 11 -0.29 -13.48 -14.18
CA ASP B 11 0.17 -14.78 -14.66
C ASP B 11 0.96 -15.53 -13.59
N PRO B 12 0.35 -16.57 -13.05
CA PRO B 12 0.81 -17.15 -11.77
C PRO B 12 2.20 -16.63 -11.38
N ASP B 13 3.21 -17.02 -12.15
CA ASP B 13 4.59 -16.64 -11.84
C ASP B 13 4.85 -15.18 -11.61
N VAL B 14 4.42 -14.32 -12.53
CA VAL B 14 4.60 -12.87 -12.34
C VAL B 14 3.99 -12.40 -10.99
N ALA B 15 2.84 -12.98 -10.64
CA ALA B 15 2.16 -12.61 -9.38
C ALA B 15 3.02 -12.95 -8.18
N TYR B 16 3.51 -14.19 -8.08
CA TYR B 16 4.30 -14.59 -6.92
C TYR B 16 5.55 -13.74 -6.80
N GLN B 17 6.18 -13.45 -7.93
CA GLN B 17 7.35 -12.58 -7.92
C GLN B 17 7.01 -11.24 -7.22
N VAL B 18 5.93 -10.58 -7.64
CA VAL B 18 5.48 -9.36 -6.98
C VAL B 18 5.18 -9.56 -5.47
N ILE B 19 4.51 -10.65 -5.12
CA ILE B 19 4.30 -10.99 -3.72
C ILE B 19 5.64 -11.19 -3.00
N GLU B 20 6.63 -11.79 -3.68
CA GLU B 20 7.88 -12.09 -3.00
C GLU B 20 8.74 -10.88 -2.81
N GLU B 21 8.64 -9.93 -3.74
CA GLU B 21 9.46 -8.74 -3.70
C GLU B 21 8.90 -7.52 -2.95
N ASN B 22 7.59 -7.54 -2.66
CA ASN B 22 6.97 -6.48 -1.89
C ASN B 22 6.14 -7.12 -0.79
N SER B 23 6.80 -7.79 0.13
CA SER B 23 6.06 -8.59 1.09
C SER B 23 5.36 -7.78 2.19
N PHE B 24 5.58 -6.46 2.25
CA PHE B 24 4.98 -5.66 3.31
C PHE B 24 3.57 -5.32 2.88
N ALA B 25 2.63 -6.16 3.28
CA ALA B 25 1.29 -6.13 2.75
C ALA B 25 0.25 -5.41 3.60
N THR B 26 -0.91 -5.18 3.00
CA THR B 26 -2.07 -4.65 3.66
C THR B 26 -3.08 -5.83 3.78
N LEU B 27 -3.39 -6.24 4.99
CA LEU B 27 -4.28 -7.37 5.18
C LEU B 27 -5.59 -6.82 5.68
N VAL B 28 -6.66 -7.04 4.92
CA VAL B 28 -7.96 -6.48 5.25
C VAL B 28 -8.98 -7.57 5.56
N SER B 29 -9.61 -7.48 6.73
CA SER B 29 -10.71 -8.35 7.08
C SER B 29 -11.97 -7.55 7.41
N MSE B 30 -13.07 -8.26 7.64
CA MSE B 30 -14.23 -7.67 8.31
C MSE B 30 -14.15 -7.87 9.83
O MSE B 30 -14.07 -8.99 10.31
CB MSE B 30 -15.52 -8.27 7.77
CG MSE B 30 -16.78 -7.56 8.24
SE MSE B 30 -17.24 -6.03 7.13
CE MSE B 30 -19.18 -6.05 7.35
N HIS B 31 -14.15 -6.77 10.56
CA HIS B 31 -14.04 -6.82 12.03
C HIS B 31 -15.18 -6.10 12.70
N GLN B 32 -15.91 -6.80 13.57
CA GLN B 32 -17.15 -6.28 14.16
C GLN B 32 -17.93 -5.42 13.14
N ARG B 33 -18.15 -5.96 11.95
CA ARG B 33 -18.94 -5.28 10.89
C ARG B 33 -18.27 -4.07 10.22
N GLU B 34 -16.99 -3.86 10.49
CA GLU B 34 -16.25 -2.77 9.89
C GLU B 34 -15.03 -3.29 9.15
N LEU B 35 -14.60 -2.53 8.14
CA LEU B 35 -13.41 -2.94 7.35
C LEU B 35 -12.18 -2.57 8.17
N PHE B 36 -11.21 -3.47 8.20
CA PHE B 36 -10.06 -3.33 9.04
C PHE B 36 -8.83 -3.74 8.26
N ALA B 37 -7.76 -2.97 8.40
CA ALA B 37 -6.49 -3.31 7.73
C ALA B 37 -5.28 -3.18 8.62
N THR B 38 -4.41 -4.14 8.44
CA THR B 38 -3.14 -4.19 9.15
C THR B 38 -2.04 -4.26 8.11
N HIS B 39 -0.98 -3.54 8.40
CA HIS B 39 0.13 -3.47 7.54
C HIS B 39 1.20 -4.32 8.16
N LEU B 40 1.55 -5.44 7.52
CA LEU B 40 2.54 -6.38 8.09
C LEU B 40 3.18 -7.22 6.97
N PRO B 41 4.35 -7.80 7.24
CA PRO B 41 4.90 -8.63 6.19
C PRO B 41 4.13 -9.94 6.09
N LEU B 42 3.90 -10.42 4.87
CA LEU B 42 3.29 -11.71 4.69
C LEU B 42 4.18 -12.51 3.78
N LEU B 43 4.72 -13.62 4.30
CA LEU B 43 5.56 -14.50 3.51
C LEU B 43 4.84 -15.69 2.90
N LEU B 44 5.21 -16.03 1.65
CA LEU B 44 4.75 -17.27 1.01
C LEU B 44 5.57 -18.44 1.48
N ASP B 45 4.94 -19.58 1.77
CA ASP B 45 5.68 -20.78 2.12
C ASP B 45 6.35 -21.32 0.86
N ARG B 46 7.32 -22.21 1.04
CA ARG B 46 8.12 -22.72 -0.07
C ARG B 46 7.23 -23.36 -1.13
N GLU B 47 6.10 -23.89 -0.70
CA GLU B 47 5.16 -24.53 -1.61
C GLU B 47 4.19 -23.52 -2.22
N LYS B 48 4.14 -22.33 -1.63
CA LYS B 48 3.40 -21.22 -2.21
C LYS B 48 1.90 -21.50 -2.24
N THR B 49 1.43 -22.26 -1.25
CA THR B 49 -0.01 -22.45 -1.04
C THR B 49 -0.54 -21.51 0.02
N CYS B 50 0.37 -20.84 0.75
CA CYS B 50 0.02 -20.14 1.98
C CYS B 50 0.80 -18.84 2.21
N LEU B 51 0.19 -17.92 2.95
CA LEU B 51 0.83 -16.71 3.45
C LEU B 51 0.86 -16.78 4.97
N TYR B 52 2.05 -16.69 5.57
CA TYR B 52 2.20 -16.60 7.03
C TYR B 52 2.43 -15.17 7.50
N GLY B 53 1.91 -14.86 8.66
CA GLY B 53 2.10 -13.56 9.25
C GLY B 53 1.95 -13.63 10.76
N HIS B 54 2.19 -12.51 11.42
CA HIS B 54 1.83 -12.43 12.83
C HIS B 54 1.36 -11.06 13.25
N PHE B 55 0.43 -11.04 14.19
CA PHE B 55 0.00 -9.80 14.81
C PHE B 55 0.75 -9.55 16.13
N ALA B 56 0.82 -8.29 16.55
CA ALA B 56 0.59 -7.92 17.94
C ALA B 56 -0.69 -8.55 18.47
N ARG B 57 -0.62 -9.07 19.69
CA ARG B 57 -1.79 -9.65 20.33
C ARG B 57 -2.85 -8.58 20.61
N SER B 58 -2.40 -7.42 21.09
CA SER B 58 -3.31 -6.34 21.43
C SER B 58 -4.14 -5.81 20.25
N ASN B 59 -3.87 -6.35 19.06
CA ASN B 59 -4.57 -6.00 17.81
C ASN B 59 -5.85 -6.84 17.66
N PRO B 60 -7.04 -6.19 17.74
CA PRO B 60 -8.27 -6.99 17.81
C PRO B 60 -8.65 -7.69 16.52
N GLN B 61 -7.90 -7.44 15.44
CA GLN B 61 -8.29 -7.99 14.13
C GLN B 61 -8.35 -9.53 14.10
N TRP B 62 -7.45 -10.21 14.80
CA TRP B 62 -7.52 -11.67 14.75
C TRP B 62 -8.70 -12.25 15.56
N ASN B 63 -9.19 -11.49 16.54
CA ASN B 63 -10.31 -11.96 17.35
C ASN B 63 -11.35 -12.69 16.50
N ASP B 64 -11.65 -12.15 15.30
CA ASP B 64 -12.75 -12.69 14.47
C ASP B 64 -12.42 -12.81 12.97
N ILE B 65 -11.13 -12.97 12.68
CA ILE B 65 -10.64 -12.91 11.30
C ILE B 65 -10.95 -14.19 10.55
N GLN B 66 -11.49 -15.17 11.27
CA GLN B 66 -11.09 -16.57 11.08
C GLN B 66 -12.08 -17.30 10.18
N HIS B 67 -13.25 -16.73 10.00
CA HIS B 67 -14.32 -17.37 9.23
C HIS B 67 -14.82 -16.47 8.12
N GLN B 68 -13.90 -16.00 7.28
CA GLN B 68 -14.25 -15.13 6.17
C GLN B 68 -13.15 -15.17 5.14
N THR B 69 -13.45 -14.69 3.93
CA THR B 69 -12.43 -14.51 2.90
C THR B 69 -11.78 -13.13 3.14
N VAL B 70 -10.49 -13.13 3.50
CA VAL B 70 -9.76 -11.89 3.73
C VAL B 70 -9.00 -11.50 2.44
N LEU B 71 -8.49 -10.27 2.40
CA LEU B 71 -7.84 -9.77 1.23
C LEU B 71 -6.44 -9.32 1.61
N ALA B 72 -5.44 -9.98 1.06
CA ALA B 72 -4.05 -9.58 1.30
C ALA B 72 -3.57 -8.82 0.08
N ILE B 73 -3.19 -7.56 0.28
CA ILE B 73 -2.77 -6.72 -0.84
C ILE B 73 -1.28 -6.49 -0.81
N PHE B 74 -0.62 -6.85 -1.91
CA PHE B 74 0.78 -6.59 -2.18
C PHE B 74 0.96 -5.51 -3.28
N HIS B 75 1.75 -4.51 -2.95
CA HIS B 75 1.89 -3.32 -3.75
C HIS B 75 3.17 -3.31 -4.53
N GLY B 76 3.05 -3.37 -5.85
CA GLY B 76 4.16 -3.03 -6.73
C GLY B 76 4.34 -1.54 -6.88
N PRO B 77 5.19 -1.14 -7.82
CA PRO B 77 5.46 0.28 -8.07
C PRO B 77 4.25 0.99 -8.64
N HIS B 78 4.26 2.32 -8.60
CA HIS B 78 3.16 3.12 -9.13
C HIS B 78 3.60 4.56 -9.40
N CYS B 79 3.08 5.14 -10.48
CA CYS B 79 3.39 6.53 -10.82
C CYS B 79 2.35 7.19 -11.70
N TYR B 80 2.38 8.51 -11.67
CA TYR B 80 1.58 9.34 -12.51
C TYR B 80 2.15 9.25 -13.94
N ILE B 81 1.26 9.15 -14.91
CA ILE B 81 1.63 9.25 -16.29
C ILE B 81 1.01 10.55 -16.84
N SER B 82 1.86 11.47 -17.27
CA SER B 82 1.35 12.75 -17.71
C SER B 82 1.05 12.80 -19.18
N PRO B 83 -0.15 13.29 -19.53
CA PRO B 83 -0.60 13.54 -20.90
C PRO B 83 0.16 14.69 -21.53
N SER B 84 1.18 15.19 -20.82
CA SER B 84 1.97 16.25 -21.41
C SER B 84 3.16 15.59 -22.11
N TRP B 85 3.37 14.29 -21.91
CA TRP B 85 4.53 13.65 -22.47
C TRP B 85 4.29 13.15 -23.88
N TYR B 86 3.07 13.40 -24.38
CA TYR B 86 2.65 13.05 -25.74
C TYR B 86 1.62 14.05 -26.23
N GLU B 87 1.34 14.03 -27.52
CA GLU B 87 0.44 14.97 -28.19
C GLU B 87 -0.99 14.99 -27.71
N THR B 88 -1.59 16.17 -27.86
CA THR B 88 -2.99 16.40 -27.51
C THR B 88 -3.90 15.27 -27.99
N ASN B 89 -4.80 14.83 -27.10
CA ASN B 89 -5.88 13.89 -27.41
C ASN B 89 -5.50 12.42 -27.38
N GLN B 90 -4.19 12.16 -27.34
CA GLN B 90 -3.64 10.82 -27.41
C GLN B 90 -3.97 10.08 -26.13
N ALA B 91 -4.10 10.82 -25.03
CA ALA B 91 -4.34 10.20 -23.74
C ALA B 91 -5.03 11.07 -22.71
N VAL B 92 -5.27 10.46 -21.54
CA VAL B 92 -5.95 11.11 -20.42
C VAL B 92 -5.07 10.98 -19.14
N PRO B 93 -5.39 11.76 -18.07
CA PRO B 93 -4.49 11.69 -16.92
C PRO B 93 -4.72 10.38 -16.20
N THR B 94 -3.64 9.63 -15.93
CA THR B 94 -3.77 8.32 -15.31
C THR B 94 -2.56 7.95 -14.50
N TRP B 95 -2.69 6.88 -13.70
CA TRP B 95 -1.55 6.30 -13.00
C TRP B 95 -1.24 4.94 -13.59
N ASN B 96 0.05 4.60 -13.57
CA ASN B 96 0.46 3.26 -13.92
C ASN B 96 0.81 2.57 -12.61
N TYR B 97 0.50 1.30 -12.50
CA TYR B 97 0.83 0.57 -11.28
C TYR B 97 0.66 -0.93 -11.47
N VAL B 98 1.29 -1.65 -10.54
CA VAL B 98 1.15 -3.07 -10.37
C VAL B 98 0.78 -3.45 -8.93
N ALA B 99 -0.30 -4.21 -8.78
CA ALA B 99 -0.62 -4.85 -7.52
C ALA B 99 -1.04 -6.31 -7.70
N VAL B 100 -0.93 -7.09 -6.62
CA VAL B 100 -1.53 -8.41 -6.56
C VAL B 100 -2.42 -8.51 -5.35
N HIS B 101 -3.62 -9.05 -5.54
CA HIS B 101 -4.58 -9.23 -4.45
C HIS B 101 -4.74 -10.72 -4.19
N VAL B 102 -4.57 -11.14 -2.94
CA VAL B 102 -4.77 -12.56 -2.55
C VAL B 102 -5.95 -12.74 -1.61
N TYR B 103 -6.86 -13.62 -2.00
CA TYR B 103 -8.00 -13.98 -1.17
C TYR B 103 -7.79 -15.31 -0.49
N GLY B 104 -8.25 -15.43 0.75
CA GLY B 104 -8.14 -16.68 1.46
C GLY B 104 -8.80 -16.69 2.82
N ASN B 105 -8.65 -17.77 3.55
CA ASN B 105 -9.24 -17.85 4.86
C ASN B 105 -8.11 -18.03 5.83
N VAL B 106 -8.25 -17.45 7.02
CA VAL B 106 -7.18 -17.43 8.02
C VAL B 106 -7.25 -18.59 8.99
N GLU B 107 -6.08 -19.05 9.40
CA GLU B 107 -5.97 -20.06 10.45
C GLU B 107 -4.96 -19.62 11.47
N LEU B 108 -5.33 -19.73 12.73
CA LEU B 108 -4.42 -19.34 13.79
C LEU B 108 -3.42 -20.45 14.11
N ILE B 109 -2.14 -20.08 14.07
CA ILE B 109 -1.04 -20.97 14.41
C ILE B 109 -0.68 -20.70 15.86
N ASN B 110 -0.72 -21.77 16.66
CA ASN B 110 -0.46 -21.69 18.10
C ASN B 110 0.67 -22.56 18.62
N ASP B 111 1.11 -23.54 17.83
CA ASP B 111 2.29 -24.34 18.20
C ASP B 111 3.52 -23.45 18.10
N GLN B 112 4.29 -23.39 19.18
CA GLN B 112 5.51 -22.57 19.21
C GLN B 112 6.58 -23.03 18.21
N GLY B 113 6.65 -24.33 17.93
CA GLY B 113 7.56 -24.86 16.92
C GLY B 113 7.34 -24.21 15.56
N GLU B 114 6.09 -24.24 15.10
CA GLU B 114 5.69 -23.63 13.83
C GLU B 114 5.82 -22.11 13.86
N VAL B 115 5.52 -21.48 15.01
CA VAL B 115 5.63 -20.03 15.20
C VAL B 115 7.10 -19.61 15.10
N MSE B 116 7.96 -20.31 15.86
CA MSE B 116 9.41 -20.13 15.84
C MSE B 116 9.95 -20.31 14.44
O MSE B 116 10.83 -19.57 14.00
CB MSE B 116 10.11 -21.14 16.76
CG MSE B 116 10.21 -20.73 18.20
SE MSE B 116 10.92 -18.92 18.40
CE MSE B 116 11.48 -19.07 20.27
N GLN B 117 9.43 -21.32 13.75
CA GLN B 117 9.81 -21.63 12.39
C GLN B 117 9.49 -20.44 11.46
N SER B 118 8.25 -19.94 11.50
CA SER B 118 7.88 -18.82 10.64
C SER B 118 8.73 -17.59 10.99
N LEU B 119 9.03 -17.40 12.27
CA LEU B 119 9.87 -16.29 12.66
C LEU B 119 11.30 -16.38 12.08
N HIS B 120 11.86 -17.60 12.03
CA HIS B 120 13.19 -17.84 11.45
C HIS B 120 13.25 -17.52 9.95
N ASP B 121 12.22 -17.94 9.23
CA ASP B 121 12.12 -17.73 7.79
C ASP B 121 12.07 -16.23 7.45
N MSE B 122 11.47 -15.48 8.36
CA MSE B 122 11.26 -14.05 8.25
C MSE B 122 12.62 -13.34 8.36
O MSE B 122 12.96 -12.49 7.54
CB MSE B 122 10.26 -13.63 9.35
CG MSE B 122 9.63 -12.27 9.20
SE MSE B 122 7.82 -12.11 10.06
CE MSE B 122 6.59 -13.14 8.88
N VAL B 123 13.40 -13.74 9.36
CA VAL B 123 14.76 -13.25 9.56
C VAL B 123 15.62 -13.57 8.35
N GLU B 124 15.58 -14.83 7.92
CA GLU B 124 16.32 -15.32 6.78
C GLU B 124 16.10 -14.44 5.55
N LYS B 125 14.83 -14.20 5.21
CA LYS B 125 14.45 -13.38 4.07
C LYS B 125 14.86 -11.90 4.14
N TYR B 126 14.84 -11.29 5.32
CA TYR B 126 15.07 -9.83 5.41
C TYR B 126 16.44 -9.38 5.88
N GLU B 127 17.20 -10.26 6.54
CA GLU B 127 18.55 -9.91 6.97
C GLU B 127 19.48 -9.90 5.77
N ALA B 128 20.47 -9.00 5.79
CA ALA B 128 21.48 -8.87 4.74
C ALA B 128 22.31 -10.15 4.58
N PRO B 129 22.89 -10.39 3.38
CA PRO B 129 23.64 -11.67 3.21
C PRO B 129 24.80 -11.76 4.20
N GLY B 130 25.32 -10.61 4.62
CA GLY B 130 26.40 -10.57 5.60
C GLY B 130 26.10 -11.42 6.82
N SER B 131 24.85 -11.42 7.25
CA SER B 131 24.51 -11.05 8.62
C SER B 131 25.02 -12.09 9.61
N ARG B 132 25.09 -11.72 10.88
CA ARG B 132 25.50 -12.65 11.93
C ARG B 132 24.44 -12.80 13.00
N TYR B 133 23.26 -12.23 12.74
CA TYR B 133 22.20 -12.19 13.72
C TYR B 133 21.44 -13.51 13.78
N GLN B 134 21.34 -14.04 14.99
CA GLN B 134 20.70 -15.30 15.24
C GLN B 134 19.50 -15.22 16.18
N LEU B 135 18.96 -16.45 16.41
CA LEU B 135 18.11 -16.90 17.54
C LEU B 135 19.07 -17.10 18.75
N SER B 136 19.75 -16.04 19.18
CA SER B 136 20.59 -16.10 20.38
C SER B 136 20.03 -15.25 21.56
N GLU B 137 18.76 -15.64 21.96
CA GLU B 137 18.18 -15.15 23.24
C GLU B 137 17.34 -16.24 23.92
N VAL B 138 17.05 -16.00 25.22
CA VAL B 138 16.44 -17.02 26.11
C VAL B 138 15.23 -17.82 25.55
N MSE B 142 12.51 -13.58 27.41
CA MSE B 142 12.86 -12.65 26.33
C MSE B 142 12.26 -13.14 25.02
O MSE B 142 11.54 -12.40 24.34
CB MSE B 142 14.37 -12.46 26.23
CG MSE B 142 14.85 -11.02 25.95
SE MSE B 142 14.87 -10.42 24.06
CE MSE B 142 15.55 -8.59 24.33
N LEU B 143 12.55 -14.39 24.65
CA LEU B 143 11.93 -15.02 23.48
C LEU B 143 10.51 -15.49 23.80
N SER B 144 10.35 -16.04 25.00
CA SER B 144 9.07 -16.52 25.50
C SER B 144 8.08 -15.37 25.64
N GLY B 145 8.51 -14.29 26.28
CA GLY B 145 7.70 -13.09 26.49
C GLY B 145 7.22 -12.46 25.21
N MSE B 146 8.14 -12.28 24.27
CA MSE B 146 7.85 -11.74 22.94
C MSE B 146 6.75 -12.52 22.26
O MSE B 146 6.02 -12.00 21.43
CB MSE B 146 9.12 -11.74 22.09
CG MSE B 146 8.96 -11.15 20.69
SE MSE B 146 10.02 -12.05 19.35
CE MSE B 146 9.18 -13.70 19.37
N ASN B 147 6.65 -13.79 22.63
CA ASN B 147 5.83 -14.74 21.90
C ASN B 147 4.43 -14.82 22.48
N LYS B 148 4.29 -14.36 23.72
CA LYS B 148 2.99 -14.24 24.35
C LYS B 148 2.40 -12.89 24.03
N GLY B 149 3.08 -12.17 23.15
CA GLY B 149 2.67 -10.84 22.75
C GLY B 149 2.32 -10.79 21.29
N ILE B 150 2.43 -11.93 20.62
CA ILE B 150 2.04 -12.01 19.21
C ILE B 150 1.07 -13.15 18.94
N GLN B 151 0.30 -13.03 17.86
CA GLN B 151 -0.59 -14.10 17.37
C GLN B 151 -0.29 -14.51 15.92
N ALA B 152 0.36 -15.64 15.76
CA ALA B 152 0.74 -16.14 14.44
C ALA B 152 -0.45 -16.69 13.71
N PHE B 153 -0.39 -16.62 12.40
CA PHE B 153 -1.48 -17.12 11.59
C PHE B 153 -0.97 -17.44 10.18
N LYS B 154 -1.85 -18.05 9.42
CA LYS B 154 -1.59 -18.58 8.09
C LYS B 154 -2.80 -18.20 7.18
N ILE B 155 -2.57 -17.76 5.94
CA ILE B 155 -3.72 -17.57 5.03
C ILE B 155 -3.78 -18.71 4.02
N ILE B 156 -4.84 -19.51 4.03
CA ILE B 156 -4.94 -20.55 2.98
C ILE B 156 -5.42 -19.88 1.68
N ILE B 157 -4.55 -19.83 0.68
CA ILE B 157 -4.83 -19.09 -0.57
C ILE B 157 -5.93 -19.74 -1.40
N LYS B 158 -6.89 -18.96 -1.89
CA LYS B 158 -7.97 -19.54 -2.71
C LYS B 158 -7.89 -19.00 -4.12
N ARG B 159 -7.47 -17.75 -4.24
CA ARG B 159 -7.43 -17.10 -5.51
C ARG B 159 -6.44 -15.92 -5.44
N ILE B 160 -5.80 -15.68 -6.57
CA ILE B 160 -4.84 -14.60 -6.76
C ILE B 160 -5.27 -13.81 -7.99
N GLU B 161 -5.39 -12.50 -7.83
CA GLU B 161 -5.65 -11.58 -8.93
C GLU B 161 -4.50 -10.60 -9.05
N GLY B 162 -3.97 -10.47 -10.26
CA GLY B 162 -2.95 -9.49 -10.57
C GLY B 162 -3.65 -8.27 -11.12
N LYS B 163 -3.09 -7.11 -10.86
CA LYS B 163 -3.68 -5.85 -11.30
C LYS B 163 -2.50 -5.10 -11.88
N ALA B 164 -2.68 -4.61 -13.11
CA ALA B 164 -1.63 -3.85 -13.78
C ALA B 164 -2.22 -2.72 -14.63
N LYS B 165 -1.67 -1.52 -14.47
CA LYS B 165 -1.88 -0.45 -15.44
C LYS B 165 -0.54 0.12 -15.93
N LEU B 166 -0.20 -0.18 -17.17
CA LEU B 166 1.14 0.09 -17.67
C LEU B 166 1.09 0.81 -19.02
N SER B 167 -0.10 1.26 -19.40
CA SER B 167 -0.27 2.05 -20.63
C SER B 167 0.27 1.31 -21.85
N GLN B 168 -0.16 0.06 -21.98
CA GLN B 168 0.20 -0.81 -23.09
C GLN B 168 -0.80 -0.67 -24.23
N ASN B 169 -1.69 0.31 -24.13
CA ASN B 169 -2.71 0.59 -25.17
C ASN B 169 -2.35 1.80 -26.03
N HIS B 170 -1.13 2.32 -25.84
CA HIS B 170 -0.59 3.38 -26.68
C HIS B 170 0.43 2.71 -27.59
N PRO B 171 0.63 3.22 -28.82
CA PRO B 171 1.61 2.55 -29.69
C PRO B 171 3.07 2.68 -29.21
N ALA B 172 3.98 2.10 -29.99
CA ALA B 172 5.43 2.10 -29.72
C ALA B 172 6.01 3.41 -29.17
N HIS B 173 6.21 4.40 -30.04
CA HIS B 173 6.80 5.70 -29.67
C HIS B 173 6.19 6.34 -28.42
N ARG B 174 4.86 6.35 -28.34
CA ARG B 174 4.17 6.91 -27.16
C ARG B 174 4.61 6.19 -25.86
N GLN B 175 4.87 4.88 -25.95
CA GLN B 175 5.41 4.13 -24.80
C GLN B 175 6.91 4.35 -24.74
N GLU B 176 7.53 4.55 -25.88
CA GLU B 176 8.98 4.70 -25.96
C GLU B 176 9.44 6.01 -25.32
N ARG B 177 8.63 7.05 -25.49
CA ARG B 177 8.93 8.37 -24.97
C ARG B 177 8.48 8.51 -23.52
N ILE B 178 7.49 7.72 -23.12
CA ILE B 178 7.03 7.68 -21.73
C ILE B 178 8.15 7.05 -20.90
N ILE B 179 8.82 6.06 -21.47
CA ILE B 179 9.95 5.38 -20.83
C ILE B 179 11.12 6.35 -20.54
N LYS B 180 11.53 7.10 -21.55
CA LYS B 180 12.67 7.99 -21.39
C LYS B 180 12.34 9.04 -20.33
N GLN B 181 11.17 9.66 -20.42
CA GLN B 181 10.76 10.63 -19.43
C GLN B 181 10.81 10.02 -18.01
N LEU B 182 10.19 8.86 -17.84
CA LEU B 182 10.22 8.16 -16.54
C LEU B 182 11.61 7.88 -16.03
N GLU B 183 12.53 7.42 -16.88
CA GLU B 183 13.85 7.05 -16.37
C GLU B 183 14.78 8.22 -16.11
N GLN B 184 14.48 9.38 -16.70
CA GLN B 184 15.23 10.59 -16.40
C GLN B 184 14.86 11.10 -15.01
N MSE B 185 13.70 10.69 -14.51
CA MSE B 185 13.23 11.10 -13.20
C MSE B 185 13.96 10.41 -12.03
O MSE B 185 14.22 9.21 -12.09
CB MSE B 185 11.72 10.90 -13.12
CG MSE B 185 11.03 11.72 -14.17
SE MSE B 185 9.11 11.50 -14.22
CE MSE B 185 8.63 12.56 -12.62
N PRO B 186 14.32 11.19 -10.99
CA PRO B 186 15.09 10.70 -9.85
C PRO B 186 14.24 10.00 -8.81
N PHE B 187 13.30 9.17 -9.24
CA PHE B 187 12.40 8.51 -8.29
C PHE B 187 12.23 7.01 -8.51
N GLU B 188 12.37 6.29 -7.40
CA GLU B 188 12.27 4.85 -7.39
C GLU B 188 11.05 4.38 -8.13
N ASN B 189 9.91 4.98 -7.89
CA ASN B 189 8.70 4.44 -8.52
C ASN B 189 8.68 4.54 -10.04
N GLU B 190 9.15 5.66 -10.57
CA GLU B 190 9.14 5.91 -11.99
C GLU B 190 10.10 5.00 -12.70
N LYS B 191 11.29 4.81 -12.11
CA LYS B 191 12.26 3.92 -12.68
C LYS B 191 11.69 2.52 -12.63
N ARG B 192 11.00 2.19 -11.53
CA ARG B 192 10.44 0.83 -11.44
C ARG B 192 9.41 0.62 -12.55
N ILE B 193 8.50 1.57 -12.66
CA ILE B 193 7.54 1.56 -13.74
C ILE B 193 8.25 1.48 -15.11
N ALA B 194 9.33 2.24 -15.28
CA ALA B 194 10.00 2.26 -16.55
C ALA B 194 10.55 0.89 -16.97
N SER B 195 10.94 0.05 -16.02
CA SER B 195 11.54 -1.24 -16.35
C SER B 195 10.47 -2.15 -16.85
N LEU B 196 9.42 -2.23 -16.05
CA LEU B 196 8.24 -2.99 -16.30
C LEU B 196 7.67 -2.62 -17.64
N MSE B 197 7.98 -1.42 -18.12
CA MSE B 197 7.47 -1.06 -19.44
C MSE B 197 8.28 -1.70 -20.56
O MSE B 197 8.89 -1.02 -21.37
CB MSE B 197 7.32 0.47 -19.57
CG MSE B 197 6.09 0.98 -18.86
SE MSE B 197 5.61 2.88 -19.08
CE MSE B 197 5.33 2.96 -21.02
N LYS B 198 8.30 -3.04 -20.58
CA LYS B 198 9.01 -3.85 -21.59
C LYS B 198 8.13 -4.96 -22.20
#